data_2BGI
#
_entry.id   2BGI
#
_cell.length_a   120.848
_cell.length_b   120.848
_cell.length_c   50.709
_cell.angle_alpha   90.00
_cell.angle_beta   90.00
_cell.angle_gamma   120.00
#
_symmetry.space_group_name_H-M   'P 31 2 1'
#
loop_
_entity.id
_entity.type
_entity.pdbx_description
1 polymer 'FERREDOXIN-NADP(H) REDUCTASE'
2 non-polymer 'FLAVIN-ADENINE DINUCLEOTIDE'
3 non-polymer 'heptyl 1-thio-beta-D-glucopyranoside'
4 non-polymer 'SULFATE ION'
5 non-polymer 'CARBON DIOXIDE'
6 water water
#
_entity_poly.entity_id   1
_entity_poly.type   'polypeptide(L)'
_entity_poly.pdbx_seq_one_letter_code
;TTVNETTPIAPAKVLPDAQTVTSVRHWTDTLFSFRVTRPQTLRFRSGEFVMIGLLDDNGKPIMRAYSIASPAWDEELEFY
SIKVPDGPLTSRLQHIKVGEQIILRPKPVGTLVIDALLPGKRLWFLATGTGIAPFASLMREPEAYEKFDEVIMMHACRTV
AELEYGRQLVEALQEDPLIGELVEGKLKYYPTTTREEFHHMGRITDNLASGKVFEDLGIAPMNPETDRAMVCGSLAFNVD
VMKVLESYGLREGANSEPREFVVEKAFVGEGI
;
_entity_poly.pdbx_strand_id   A
#
loop_
_chem_comp.id
_chem_comp.type
_chem_comp.name
_chem_comp.formula
CO2 non-polymer 'CARBON DIOXIDE' 'C O2'
FAD non-polymer 'FLAVIN-ADENINE DINUCLEOTIDE' 'C27 H33 N9 O15 P2'
HTG D-saccharide 'heptyl 1-thio-beta-D-glucopyranoside' 'C13 H26 O5 S'
SO4 non-polymer 'SULFATE ION' 'O4 S -2'
#
# COMPACT_ATOMS: atom_id res chain seq x y z
N PRO A 16 3.83 -22.80 -10.83
CA PRO A 16 2.81 -21.85 -10.33
C PRO A 16 1.79 -22.56 -9.44
N ASP A 17 1.55 -22.01 -8.25
CA ASP A 17 0.60 -22.59 -7.31
C ASP A 17 -0.78 -21.97 -7.48
N ALA A 18 -1.80 -22.82 -7.53
CA ALA A 18 -3.17 -22.33 -7.64
C ALA A 18 -3.69 -22.22 -6.21
N GLN A 19 -4.31 -21.09 -5.89
CA GLN A 19 -4.86 -20.89 -4.55
C GLN A 19 -6.33 -20.46 -4.70
N THR A 20 -7.14 -20.81 -3.70
CA THR A 20 -8.57 -20.51 -3.74
C THR A 20 -8.98 -19.20 -3.09
N VAL A 21 -9.87 -18.47 -3.75
CA VAL A 21 -10.37 -17.19 -3.24
C VAL A 21 -11.34 -17.49 -2.09
N THR A 22 -11.12 -16.84 -0.96
CA THR A 22 -11.97 -17.06 0.20
C THR A 22 -13.01 -15.95 0.41
N SER A 23 -12.75 -14.78 -0.14
CA SER A 23 -13.68 -13.66 -0.03
C SER A 23 -13.38 -12.60 -1.07
N VAL A 24 -14.40 -11.85 -1.45
CA VAL A 24 -14.25 -10.80 -2.45
C VAL A 24 -15.15 -9.62 -2.13
N ARG A 25 -14.62 -8.41 -2.28
CA ARG A 25 -15.38 -7.20 -2.02
C ARG A 25 -15.02 -6.19 -3.10
N HIS A 26 -16.03 -5.63 -3.76
CA HIS A 26 -15.72 -4.61 -4.74
C HIS A 26 -15.90 -3.29 -4.02
N TRP A 27 -15.28 -2.24 -4.55
CA TRP A 27 -15.37 -0.94 -3.91
C TRP A 27 -15.88 0.15 -4.85
N THR A 28 -15.40 0.15 -6.09
CA THR A 28 -15.84 1.13 -7.08
C THR A 28 -15.82 0.43 -8.43
N ASP A 29 -16.15 1.17 -9.49
CA ASP A 29 -16.15 0.57 -10.81
C ASP A 29 -14.74 0.25 -11.27
N THR A 30 -13.73 0.65 -10.50
CA THR A 30 -12.34 0.37 -10.87
C THR A 30 -11.51 -0.28 -9.76
N LEU A 31 -12.16 -0.65 -8.66
CA LEU A 31 -11.45 -1.22 -7.51
C LEU A 31 -12.17 -2.34 -6.77
N PHE A 32 -11.41 -3.38 -6.43
CA PHE A 32 -11.96 -4.51 -5.67
C PHE A 32 -10.84 -5.17 -4.86
N SER A 33 -11.21 -5.90 -3.83
CA SER A 33 -10.23 -6.60 -3.00
C SER A 33 -10.68 -8.04 -2.80
N PHE A 34 -9.73 -8.94 -2.59
CA PHE A 34 -10.06 -10.32 -2.37
C PHE A 34 -8.99 -10.99 -1.52
N ARG A 35 -9.37 -12.10 -0.90
CA ARG A 35 -8.45 -12.83 -0.06
C ARG A 35 -8.33 -14.23 -0.63
N VAL A 36 -7.15 -14.82 -0.53
CA VAL A 36 -6.91 -16.15 -1.04
C VAL A 36 -6.14 -16.98 -0.02
N THR A 37 -6.22 -18.29 -0.16
CA THR A 37 -5.51 -19.18 0.74
C THR A 37 -4.01 -18.94 0.48
N ARG A 38 -3.21 -19.04 1.52
CA ARG A 38 -1.77 -18.82 1.39
C ARG A 38 -0.96 -20.09 1.21
N PRO A 39 -0.03 -20.10 0.25
CA PRO A 39 0.82 -21.26 0.00
C PRO A 39 1.71 -21.47 1.23
N GLN A 40 1.79 -22.72 1.70
CA GLN A 40 2.60 -23.02 2.88
C GLN A 40 4.08 -22.70 2.71
N THR A 41 4.55 -22.71 1.47
CA THR A 41 5.95 -22.42 1.19
C THR A 41 6.25 -20.93 1.11
N LEU A 42 5.20 -20.11 1.14
CA LEU A 42 5.37 -18.67 1.05
C LEU A 42 5.79 -18.02 2.36
N ARG A 43 6.94 -17.34 2.32
CA ARG A 43 7.47 -16.63 3.48
C ARG A 43 7.81 -15.24 2.96
N PHE A 44 7.27 -14.20 3.59
CA PHE A 44 7.57 -12.84 3.12
C PHE A 44 7.61 -11.78 4.21
N ARG A 45 8.05 -10.59 3.81
CA ARG A 45 8.12 -9.45 4.70
C ARG A 45 7.05 -8.46 4.25
N SER A 46 6.29 -7.94 5.21
CA SER A 46 5.22 -6.99 4.89
C SER A 46 5.72 -5.90 3.95
N GLY A 47 4.98 -5.68 2.87
CA GLY A 47 5.38 -4.68 1.90
C GLY A 47 5.83 -5.28 0.58
N GLU A 48 6.21 -6.56 0.61
CA GLU A 48 6.67 -7.22 -0.61
C GLU A 48 5.52 -7.59 -1.53
N PHE A 49 5.87 -7.89 -2.79
CA PHE A 49 4.89 -8.28 -3.79
C PHE A 49 5.20 -9.64 -4.40
N VAL A 50 4.21 -10.22 -5.05
CA VAL A 50 4.36 -11.51 -5.72
C VAL A 50 3.62 -11.46 -7.04
N MET A 51 3.92 -12.40 -7.92
CA MET A 51 3.26 -12.46 -9.21
C MET A 51 2.00 -13.31 -9.05
N ILE A 52 0.86 -12.80 -9.51
CA ILE A 52 -0.37 -13.58 -9.44
C ILE A 52 -1.04 -13.50 -10.80
N GLY A 53 -2.01 -14.37 -11.04
CA GLY A 53 -2.68 -14.32 -12.33
C GLY A 53 -3.76 -15.36 -12.54
N LEU A 54 -4.11 -15.53 -13.80
CA LEU A 54 -5.14 -16.48 -14.23
C LEU A 54 -4.71 -17.08 -15.55
N LEU A 55 -5.45 -18.08 -15.99
CA LEU A 55 -5.15 -18.73 -17.27
C LEU A 55 -6.14 -18.19 -18.28
N ASP A 56 -5.68 -17.89 -19.49
CA ASP A 56 -6.58 -17.40 -20.52
C ASP A 56 -7.38 -18.57 -21.09
N ASP A 57 -8.02 -18.35 -22.23
CA ASP A 57 -8.84 -19.40 -22.86
C ASP A 57 -8.01 -20.55 -23.40
N ASN A 58 -6.74 -20.29 -23.71
CA ASN A 58 -5.86 -21.33 -24.24
C ASN A 58 -5.06 -21.99 -23.13
N GLY A 59 -5.40 -21.67 -21.89
CA GLY A 59 -4.69 -22.24 -20.76
C GLY A 59 -3.35 -21.57 -20.49
N LYS A 60 -3.07 -20.48 -21.20
CA LYS A 60 -1.83 -19.74 -21.02
C LYS A 60 -1.96 -18.75 -19.87
N PRO A 61 -1.01 -18.77 -18.92
CA PRO A 61 -1.05 -17.85 -17.77
C PRO A 61 -0.86 -16.39 -18.13
N ILE A 62 -1.61 -15.54 -17.44
CA ILE A 62 -1.53 -14.09 -17.60
C ILE A 62 -1.13 -13.67 -16.19
N MET A 63 0.13 -13.30 -16.00
CA MET A 63 0.64 -12.92 -14.69
C MET A 63 0.97 -11.45 -14.56
N ARG A 64 0.81 -10.92 -13.35
CA ARG A 64 1.09 -9.53 -13.04
C ARG A 64 1.58 -9.38 -11.60
N ALA A 65 2.40 -8.38 -11.34
CA ALA A 65 2.91 -8.13 -10.00
C ALA A 65 1.82 -7.52 -9.12
N TYR A 66 1.69 -8.02 -7.91
CA TYR A 66 0.71 -7.53 -6.93
C TYR A 66 1.30 -7.46 -5.54
N SER A 67 1.13 -6.30 -4.89
CA SER A 67 1.61 -6.16 -3.53
C SER A 67 0.70 -7.02 -2.67
N ILE A 68 1.26 -7.68 -1.66
CA ILE A 68 0.42 -8.46 -0.77
C ILE A 68 -0.13 -7.42 0.20
N ALA A 69 -1.45 -7.30 0.27
CA ALA A 69 -2.09 -6.30 1.12
C ALA A 69 -2.33 -6.73 2.56
N SER A 70 -1.97 -7.98 2.87
CA SER A 70 -2.12 -8.51 4.21
C SER A 70 -0.73 -8.60 4.84
N PRO A 71 -0.64 -8.44 6.16
CA PRO A 71 0.63 -8.51 6.90
C PRO A 71 1.24 -9.91 6.84
N ALA A 72 2.54 -10.01 7.11
CA ALA A 72 3.23 -11.29 7.06
C ALA A 72 2.66 -12.33 8.01
N TRP A 73 2.04 -11.89 9.11
CA TRP A 73 1.48 -12.83 10.08
C TRP A 73 0.09 -13.37 9.76
N ASP A 74 -0.57 -12.81 8.75
CA ASP A 74 -1.90 -13.25 8.37
C ASP A 74 -1.82 -14.59 7.65
N GLU A 75 -2.63 -15.56 8.09
CA GLU A 75 -2.62 -16.90 7.50
C GLU A 75 -3.23 -16.94 6.09
N GLU A 76 -3.88 -15.85 5.69
CA GLU A 76 -4.47 -15.74 4.36
C GLU A 76 -3.85 -14.55 3.66
N LEU A 77 -3.87 -14.55 2.33
CA LEU A 77 -3.33 -13.43 1.57
C LEU A 77 -4.46 -12.54 1.11
N GLU A 78 -4.21 -11.23 1.13
CA GLU A 78 -5.21 -10.27 0.70
C GLU A 78 -4.61 -9.43 -0.43
N PHE A 79 -5.45 -9.01 -1.37
CA PHE A 79 -5.01 -8.20 -2.50
C PHE A 79 -6.00 -7.06 -2.77
N TYR A 80 -5.48 -5.91 -3.18
CA TYR A 80 -6.30 -4.75 -3.50
C TYR A 80 -6.00 -4.50 -4.97
N SER A 81 -7.01 -4.66 -5.81
CA SER A 81 -6.85 -4.57 -7.25
C SER A 81 -7.63 -3.54 -8.05
N ILE A 82 -6.98 -3.06 -9.11
CA ILE A 82 -7.56 -2.12 -10.05
C ILE A 82 -8.36 -2.97 -11.04
N LYS A 83 -9.24 -2.33 -11.81
CA LYS A 83 -10.00 -3.00 -12.86
C LYS A 83 -9.68 -2.16 -14.09
N VAL A 84 -8.82 -2.67 -14.96
CA VAL A 84 -8.45 -1.95 -16.16
C VAL A 84 -9.31 -2.35 -17.34
N PRO A 85 -9.93 -1.38 -18.01
CA PRO A 85 -10.77 -1.68 -19.16
C PRO A 85 -9.92 -2.40 -20.21
N ASP A 86 -10.36 -3.58 -20.62
CA ASP A 86 -9.62 -4.36 -21.62
C ASP A 86 -8.24 -4.82 -21.12
N GLY A 87 -7.97 -4.68 -19.84
CA GLY A 87 -6.69 -5.11 -19.31
C GLY A 87 -6.59 -6.63 -19.39
N PRO A 88 -5.50 -7.17 -19.95
CA PRO A 88 -5.37 -8.63 -20.07
C PRO A 88 -5.73 -9.41 -18.80
N LEU A 89 -5.16 -9.04 -17.66
CA LEU A 89 -5.49 -9.75 -16.43
C LEU A 89 -6.76 -9.32 -15.70
N THR A 90 -6.90 -8.04 -15.42
CA THR A 90 -8.06 -7.60 -14.65
C THR A 90 -9.40 -7.62 -15.36
N SER A 91 -9.40 -7.69 -16.68
CA SER A 91 -10.66 -7.80 -17.41
C SER A 91 -11.26 -9.15 -17.03
N ARG A 92 -10.39 -10.06 -16.58
CA ARG A 92 -10.80 -11.41 -16.17
C ARG A 92 -10.89 -11.53 -14.64
N LEU A 93 -9.86 -11.02 -13.97
CA LEU A 93 -9.78 -11.09 -12.51
C LEU A 93 -10.94 -10.38 -11.79
N GLN A 94 -11.47 -9.32 -12.39
CA GLN A 94 -12.58 -8.60 -11.76
C GLN A 94 -13.79 -9.50 -11.55
N HIS A 95 -13.85 -10.63 -12.27
CA HIS A 95 -14.97 -11.55 -12.17
C HIS A 95 -14.73 -12.75 -11.25
N ILE A 96 -13.60 -12.78 -10.58
CA ILE A 96 -13.26 -13.89 -9.70
C ILE A 96 -14.28 -14.01 -8.57
N LYS A 97 -14.67 -15.24 -8.25
CA LYS A 97 -15.65 -15.50 -7.21
C LYS A 97 -15.06 -16.39 -6.13
N VAL A 98 -15.67 -16.38 -4.94
CA VAL A 98 -15.21 -17.23 -3.85
C VAL A 98 -15.29 -18.66 -4.36
N GLY A 99 -14.30 -19.47 -4.03
CA GLY A 99 -14.31 -20.85 -4.49
C GLY A 99 -13.53 -21.05 -5.76
N GLU A 100 -13.35 -19.99 -6.55
CA GLU A 100 -12.58 -20.11 -7.78
C GLU A 100 -11.12 -19.90 -7.39
N GLN A 101 -10.20 -20.18 -8.30
CA GLN A 101 -8.78 -20.04 -7.98
C GLN A 101 -7.98 -19.11 -8.88
N ILE A 102 -6.88 -18.60 -8.33
CA ILE A 102 -5.97 -17.74 -9.06
C ILE A 102 -4.62 -18.46 -9.05
N ILE A 103 -3.68 -17.96 -9.85
CA ILE A 103 -2.33 -18.51 -9.93
C ILE A 103 -1.44 -17.60 -9.09
N LEU A 104 -0.44 -18.18 -8.43
CA LEU A 104 0.46 -17.39 -7.60
C LEU A 104 1.87 -17.98 -7.55
N ARG A 105 2.86 -17.11 -7.76
CA ARG A 105 4.28 -17.50 -7.71
C ARG A 105 4.76 -17.11 -6.31
N PRO A 106 4.85 -18.08 -5.39
CA PRO A 106 5.28 -17.86 -4.01
C PRO A 106 6.74 -17.44 -3.79
N LYS A 107 7.16 -16.43 -4.53
CA LYS A 107 8.53 -15.88 -4.45
C LYS A 107 8.39 -14.36 -4.30
N PRO A 108 8.40 -13.86 -3.05
CA PRO A 108 8.28 -12.43 -2.78
C PRO A 108 9.50 -11.59 -3.16
N VAL A 109 9.24 -10.36 -3.55
CA VAL A 109 10.29 -9.41 -3.93
C VAL A 109 9.77 -8.00 -3.65
N GLY A 110 10.58 -6.99 -3.93
CA GLY A 110 10.15 -5.63 -3.71
C GLY A 110 11.11 -4.80 -2.88
N THR A 111 10.92 -3.48 -2.95
CA THR A 111 11.76 -2.54 -2.23
C THR A 111 11.07 -1.91 -1.02
N LEU A 112 9.77 -2.14 -0.88
CA LEU A 112 9.04 -1.55 0.25
C LEU A 112 9.15 -2.41 1.50
N VAL A 113 10.37 -2.53 2.02
CA VAL A 113 10.61 -3.33 3.22
C VAL A 113 11.26 -2.50 4.33
N ILE A 114 10.78 -2.70 5.55
CA ILE A 114 11.29 -1.99 6.71
C ILE A 114 12.80 -2.19 6.89
N ASP A 115 13.32 -3.32 6.44
CA ASP A 115 14.75 -3.60 6.55
C ASP A 115 15.60 -2.58 5.79
N ALA A 116 14.99 -1.88 4.84
CA ALA A 116 15.70 -0.89 4.04
C ALA A 116 15.69 0.50 4.65
N LEU A 117 15.08 0.63 5.82
CA LEU A 117 14.99 1.93 6.49
C LEU A 117 15.66 1.94 7.86
N LEU A 118 16.39 3.00 8.15
CA LEU A 118 17.05 3.13 9.45
C LEU A 118 15.96 3.34 10.49
N PRO A 119 16.14 2.79 11.70
CA PRO A 119 15.10 2.98 12.72
C PRO A 119 14.91 4.48 12.99
N GLY A 120 13.68 4.87 13.32
CA GLY A 120 13.40 6.27 13.57
C GLY A 120 12.16 6.45 14.42
N LYS A 121 11.58 7.64 14.39
CA LYS A 121 10.40 7.89 15.19
C LYS A 121 9.09 7.96 14.40
N ARG A 122 9.17 8.47 13.17
CA ARG A 122 7.97 8.60 12.35
C ARG A 122 8.14 7.95 10.97
N LEU A 123 7.22 7.04 10.65
CA LEU A 123 7.25 6.33 9.37
C LEU A 123 6.10 6.78 8.50
N TRP A 124 6.40 7.33 7.33
CA TRP A 124 5.38 7.82 6.42
C TRP A 124 5.09 6.87 5.25
N PHE A 125 3.81 6.61 5.02
CA PHE A 125 3.37 5.79 3.90
C PHE A 125 2.71 6.79 2.96
N LEU A 126 3.31 6.98 1.79
CA LEU A 126 2.80 7.95 0.82
C LEU A 126 2.29 7.18 -0.40
N ALA A 127 0.98 7.12 -0.55
CA ALA A 127 0.41 6.35 -1.65
C ALA A 127 -0.77 6.98 -2.37
N THR A 128 -0.95 6.57 -3.62
CA THR A 128 -2.07 7.03 -4.44
C THR A 128 -2.76 5.79 -4.99
N GLY A 129 -4.09 5.84 -5.07
CA GLY A 129 -4.83 4.71 -5.61
C GLY A 129 -4.49 3.36 -4.99
N THR A 130 -4.30 2.36 -5.83
CA THR A 130 -4.00 1.00 -5.35
C THR A 130 -2.63 0.92 -4.69
N GLY A 131 -1.89 2.03 -4.74
CA GLY A 131 -0.59 2.09 -4.12
C GLY A 131 -0.66 1.88 -2.62
N ILE A 132 -1.86 1.98 -2.06
CA ILE A 132 -2.00 1.78 -0.62
C ILE A 132 -1.86 0.28 -0.29
N ALA A 133 -1.96 -0.57 -1.31
CA ALA A 133 -1.87 -2.02 -1.11
C ALA A 133 -0.75 -2.48 -0.17
N PRO A 134 0.52 -2.18 -0.49
CA PRO A 134 1.60 -2.62 0.41
C PRO A 134 1.48 -2.03 1.81
N PHE A 135 0.76 -0.91 1.93
CA PHE A 135 0.60 -0.28 3.23
C PHE A 135 -0.56 -0.86 4.00
N ALA A 136 -1.46 -1.56 3.30
CA ALA A 136 -2.57 -2.21 3.99
C ALA A 136 -1.89 -3.33 4.76
N SER A 137 -0.76 -3.79 4.23
CA SER A 137 0.03 -4.85 4.84
C SER A 137 0.85 -4.29 5.99
N LEU A 138 1.66 -3.28 5.70
CA LEU A 138 2.53 -2.65 6.69
C LEU A 138 1.80 -2.00 7.86
N MET A 139 0.63 -1.42 7.63
CA MET A 139 -0.12 -0.80 8.73
C MET A 139 -0.54 -1.87 9.73
N ARG A 140 -0.49 -3.13 9.29
CA ARG A 140 -0.87 -4.24 10.14
C ARG A 140 0.36 -5.04 10.57
N GLU A 141 1.54 -4.51 10.28
CA GLU A 141 2.80 -5.15 10.62
C GLU A 141 3.34 -4.64 11.95
N PRO A 142 3.38 -5.53 12.97
CA PRO A 142 3.87 -5.14 14.29
C PRO A 142 5.24 -4.44 14.28
N GLU A 143 6.12 -4.85 13.37
CA GLU A 143 7.44 -4.24 13.30
C GLU A 143 7.42 -2.75 13.00
N ALA A 144 6.41 -2.29 12.27
CA ALA A 144 6.29 -0.89 11.93
C ALA A 144 6.10 -0.01 13.17
N TYR A 145 5.47 -0.57 14.20
CA TYR A 145 5.21 0.15 15.44
C TYR A 145 6.26 -0.14 16.50
N GLU A 146 7.24 -0.95 16.13
CA GLU A 146 8.32 -1.30 17.02
C GLU A 146 9.58 -0.52 16.64
N LYS A 147 9.95 -0.63 15.36
CA LYS A 147 11.13 0.05 14.83
C LYS A 147 10.90 1.54 14.66
N PHE A 148 9.64 1.95 14.71
CA PHE A 148 9.24 3.34 14.58
C PHE A 148 8.17 3.59 15.62
N ASP A 149 7.97 4.85 16.01
CA ASP A 149 6.97 5.19 17.02
C ASP A 149 5.62 5.56 16.43
N GLU A 150 5.63 6.29 15.32
CA GLU A 150 4.40 6.72 14.66
C GLU A 150 4.38 6.33 13.19
N VAL A 151 3.18 6.08 12.69
CA VAL A 151 2.98 5.73 11.29
C VAL A 151 1.96 6.71 10.72
N ILE A 152 2.33 7.38 9.64
CA ILE A 152 1.45 8.34 8.99
C ILE A 152 1.03 7.77 7.63
N MET A 153 -0.27 7.55 7.46
CA MET A 153 -0.79 7.02 6.21
C MET A 153 -1.40 8.13 5.38
N MET A 154 -0.66 8.58 4.36
CA MET A 154 -1.15 9.62 3.46
C MET A 154 -1.65 8.91 2.21
N HIS A 155 -2.96 8.92 2.01
CA HIS A 155 -3.53 8.28 0.83
C HIS A 155 -4.31 9.32 0.03
N ALA A 156 -3.87 9.53 -1.21
CA ALA A 156 -4.51 10.50 -2.10
C ALA A 156 -5.17 9.79 -3.28
N CYS A 157 -6.48 10.03 -3.45
CA CYS A 157 -7.25 9.45 -4.55
C CYS A 157 -8.11 10.56 -5.16
N ARG A 158 -8.78 10.25 -6.27
CA ARG A 158 -9.63 11.24 -6.92
C ARG A 158 -10.92 11.47 -6.16
N THR A 159 -11.54 10.38 -5.71
CA THR A 159 -12.82 10.46 -5.02
C THR A 159 -12.86 9.80 -3.66
N VAL A 160 -13.94 10.08 -2.93
CA VAL A 160 -14.15 9.51 -1.60
C VAL A 160 -14.35 7.99 -1.65
N ALA A 161 -15.03 7.50 -2.68
CA ALA A 161 -15.27 6.06 -2.78
C ALA A 161 -13.97 5.29 -2.98
N GLU A 162 -12.98 5.93 -3.60
CA GLU A 162 -11.69 5.29 -3.83
C GLU A 162 -10.86 5.19 -2.54
N LEU A 163 -11.25 5.95 -1.52
CA LEU A 163 -10.54 5.93 -0.24
C LEU A 163 -11.14 4.90 0.74
N GLU A 164 -12.34 4.40 0.42
CA GLU A 164 -13.06 3.47 1.30
C GLU A 164 -12.36 2.21 1.81
N TYR A 165 -11.72 1.46 0.92
CA TYR A 165 -11.03 0.25 1.35
C TYR A 165 -10.05 0.61 2.47
N GLY A 166 -9.24 1.63 2.22
CA GLY A 166 -8.28 2.05 3.23
C GLY A 166 -8.93 2.61 4.48
N ARG A 167 -9.99 3.38 4.32
CA ARG A 167 -10.67 3.96 5.47
C ARG A 167 -11.17 2.86 6.41
N GLN A 168 -11.83 1.86 5.85
CA GLN A 168 -12.37 0.78 6.66
C GLN A 168 -11.27 -0.01 7.36
N LEU A 169 -10.13 -0.17 6.69
CA LEU A 169 -9.01 -0.88 7.27
C LEU A 169 -8.49 -0.09 8.47
N VAL A 170 -8.24 1.21 8.26
CA VAL A 170 -7.74 2.06 9.33
C VAL A 170 -8.73 2.05 10.49
N GLU A 171 -10.01 2.22 10.16
CA GLU A 171 -11.07 2.22 11.17
C GLU A 171 -11.04 0.92 11.98
N ALA A 172 -10.88 -0.20 11.30
CA ALA A 172 -10.85 -1.50 11.95
C ALA A 172 -9.68 -1.61 12.94
N LEU A 173 -8.57 -0.95 12.62
CA LEU A 173 -7.39 -0.97 13.49
C LEU A 173 -7.56 -0.06 14.71
N GLN A 174 -8.06 1.14 14.47
CA GLN A 174 -8.23 2.12 15.54
C GLN A 174 -9.46 1.82 16.41
N GLU A 175 -10.41 1.07 15.85
CA GLU A 175 -11.63 0.74 16.57
C GLU A 175 -11.61 -0.63 17.25
N ASP A 176 -10.62 -1.45 16.91
CA ASP A 176 -10.52 -2.79 17.49
C ASP A 176 -10.46 -2.80 19.02
N PRO A 177 -11.26 -3.67 19.66
CA PRO A 177 -11.30 -3.77 21.12
C PRO A 177 -9.92 -3.98 21.76
N LEU A 178 -9.17 -4.94 21.24
CA LEU A 178 -7.85 -5.26 21.77
C LEU A 178 -6.82 -4.15 21.59
N ILE A 179 -6.36 -3.97 20.35
CA ILE A 179 -5.35 -2.94 20.07
C ILE A 179 -5.92 -1.58 19.69
N GLY A 180 -7.21 -1.55 19.35
CA GLY A 180 -7.83 -0.28 18.98
C GLY A 180 -7.87 0.63 20.19
N GLU A 181 -6.72 1.20 20.50
CA GLU A 181 -6.54 2.10 21.63
C GLU A 181 -5.03 2.17 21.81
N LEU A 182 -4.38 1.05 21.53
CA LEU A 182 -2.93 0.92 21.61
C LEU A 182 -2.37 1.47 20.31
N VAL A 183 -3.24 1.56 19.30
CA VAL A 183 -2.86 2.08 17.99
C VAL A 183 -3.10 3.59 17.93
N GLU A 184 -4.03 4.07 18.74
CA GLU A 184 -4.33 5.50 18.79
C GLU A 184 -3.04 6.25 19.09
N GLY A 185 -2.78 7.32 18.34
CA GLY A 185 -1.57 8.09 18.56
C GLY A 185 -0.39 7.52 17.81
N LYS A 186 -0.44 6.22 17.52
CA LYS A 186 0.63 5.56 16.79
C LYS A 186 0.36 5.54 15.29
N LEU A 187 -0.89 5.30 14.92
CA LEU A 187 -1.27 5.27 13.51
C LEU A 187 -2.14 6.49 13.20
N LYS A 188 -1.62 7.39 12.37
CA LYS A 188 -2.31 8.60 11.97
C LYS A 188 -2.70 8.50 10.50
N TYR A 189 -3.98 8.68 10.23
CA TYR A 189 -4.53 8.56 8.89
C TYR A 189 -4.83 9.93 8.27
N TYR A 190 -4.20 10.20 7.13
CA TYR A 190 -4.38 11.48 6.43
C TYR A 190 -4.84 11.28 4.99
N PRO A 191 -6.13 10.98 4.80
CA PRO A 191 -6.63 10.78 3.43
C PRO A 191 -6.98 12.10 2.76
N THR A 192 -6.83 12.16 1.44
CA THR A 192 -7.20 13.35 0.69
C THR A 192 -7.76 12.94 -0.67
N THR A 193 -8.57 13.82 -1.23
CA THR A 193 -9.15 13.60 -2.55
C THR A 193 -8.56 14.72 -3.39
N THR A 194 -8.50 14.52 -4.70
CA THR A 194 -7.97 15.55 -5.59
C THR A 194 -9.05 16.12 -6.48
N ARG A 195 -10.24 15.53 -6.43
CA ARG A 195 -11.36 16.01 -7.24
C ARG A 195 -12.63 16.23 -6.42
N GLU A 196 -13.21 15.16 -5.88
CA GLU A 196 -14.43 15.28 -5.09
C GLU A 196 -14.24 16.10 -3.80
N GLU A 197 -15.19 16.98 -3.51
CA GLU A 197 -15.10 17.79 -2.29
C GLU A 197 -14.98 16.84 -1.11
N PHE A 198 -14.07 17.16 -0.19
CA PHE A 198 -13.82 16.32 0.98
C PHE A 198 -13.20 17.25 2.03
N HIS A 199 -13.26 16.87 3.32
CA HIS A 199 -12.70 17.73 4.36
C HIS A 199 -11.21 18.02 4.21
N HIS A 200 -10.51 17.14 3.51
CA HIS A 200 -9.08 17.32 3.28
C HIS A 200 -8.77 16.95 1.84
N MET A 201 -8.14 17.86 1.10
CA MET A 201 -7.84 17.60 -0.30
C MET A 201 -6.40 17.94 -0.66
N GLY A 202 -6.03 17.63 -1.91
CA GLY A 202 -4.69 17.94 -2.38
C GLY A 202 -3.75 16.78 -2.60
N ARG A 203 -2.81 16.99 -3.51
CA ARG A 203 -1.81 15.98 -3.83
C ARG A 203 -0.80 15.89 -2.70
N ILE A 204 -0.26 14.69 -2.50
CA ILE A 204 0.72 14.45 -1.46
C ILE A 204 1.95 15.36 -1.61
N THR A 205 2.44 15.51 -2.84
CA THR A 205 3.60 16.36 -3.06
C THR A 205 3.29 17.78 -2.62
N ASP A 206 2.10 18.27 -2.97
CA ASP A 206 1.70 19.63 -2.62
C ASP A 206 1.50 19.83 -1.11
N ASN A 207 0.86 18.89 -0.45
CA ASN A 207 0.63 19.05 0.98
C ASN A 207 1.90 18.90 1.80
N LEU A 208 2.91 18.23 1.24
CA LEU A 208 4.17 18.09 1.93
C LEU A 208 5.00 19.34 1.67
N ALA A 209 5.04 19.79 0.42
CA ALA A 209 5.81 20.97 0.05
C ALA A 209 5.32 22.25 0.73
N SER A 210 4.01 22.40 0.85
CA SER A 210 3.42 23.59 1.48
C SER A 210 3.42 23.49 3.00
N GLY A 211 3.64 22.28 3.50
CA GLY A 211 3.65 22.05 4.93
C GLY A 211 2.27 21.87 5.52
N LYS A 212 1.24 21.90 4.67
CA LYS A 212 -0.13 21.77 5.16
C LYS A 212 -0.33 20.51 6.00
N VAL A 213 0.22 19.38 5.56
CA VAL A 213 0.05 18.16 6.32
C VAL A 213 0.71 18.22 7.70
N PHE A 214 1.87 18.88 7.80
CA PHE A 214 2.54 18.99 9.09
C PHE A 214 1.66 19.82 10.02
N GLU A 215 1.07 20.87 9.47
CA GLU A 215 0.19 21.77 10.21
C GLU A 215 -1.08 21.06 10.67
N ASP A 216 -1.73 20.33 9.76
CA ASP A 216 -2.96 19.62 10.08
C ASP A 216 -2.76 18.56 11.16
N LEU A 217 -1.61 17.87 11.12
CA LEU A 217 -1.32 16.84 12.09
C LEU A 217 -0.69 17.40 13.36
N GLY A 218 -0.34 18.69 13.32
CA GLY A 218 0.28 19.31 14.47
C GLY A 218 1.63 18.71 14.79
N ILE A 219 2.47 18.58 13.76
CA ILE A 219 3.81 18.02 13.95
C ILE A 219 4.89 18.90 13.34
N ALA A 220 6.13 18.59 13.69
CA ALA A 220 7.28 19.33 13.19
C ALA A 220 7.53 18.95 11.73
N PRO A 221 8.25 19.79 10.99
CA PRO A 221 8.54 19.52 9.58
C PRO A 221 9.31 18.20 9.42
N MET A 222 9.28 17.66 8.21
CA MET A 222 9.95 16.40 7.90
C MET A 222 11.47 16.57 7.93
N ASN A 223 12.14 15.71 8.70
CA ASN A 223 13.60 15.78 8.80
C ASN A 223 14.26 14.39 8.80
N PRO A 224 15.46 14.28 8.20
CA PRO A 224 16.29 13.07 8.06
C PRO A 224 16.57 12.30 9.35
N GLU A 225 16.61 13.00 10.47
CA GLU A 225 16.92 12.37 11.75
C GLU A 225 15.81 11.48 12.31
N THR A 226 14.58 11.95 12.25
CA THR A 226 13.45 11.21 12.81
C THR A 226 12.42 10.66 11.83
N ASP A 227 12.40 11.20 10.61
CA ASP A 227 11.42 10.76 9.62
C ASP A 227 11.95 9.76 8.59
N ARG A 228 11.07 8.83 8.20
CA ARG A 228 11.38 7.79 7.21
C ARG A 228 10.12 7.70 6.35
N ALA A 229 10.27 7.33 5.08
CA ALA A 229 9.11 7.22 4.21
C ALA A 229 9.15 6.10 3.18
N MET A 230 7.96 5.66 2.80
CA MET A 230 7.78 4.61 1.79
C MET A 230 6.79 5.19 0.80
N VAL A 231 7.15 5.14 -0.48
CA VAL A 231 6.33 5.73 -1.54
C VAL A 231 5.82 4.73 -2.56
N CYS A 232 4.53 4.78 -2.85
CA CYS A 232 3.97 3.88 -3.85
C CYS A 232 2.86 4.53 -4.67
N GLY A 233 3.20 4.83 -5.92
CA GLY A 233 2.26 5.43 -6.85
C GLY A 233 2.83 5.24 -8.24
N SER A 234 2.35 6.01 -9.21
CA SER A 234 2.87 5.91 -10.58
C SER A 234 4.34 6.29 -10.55
N LEU A 235 5.06 6.00 -11.63
CA LEU A 235 6.47 6.35 -11.70
C LEU A 235 6.63 7.85 -11.55
N ALA A 236 5.76 8.61 -12.22
CA ALA A 236 5.81 10.07 -12.17
C ALA A 236 5.58 10.57 -10.75
N PHE A 237 4.68 9.90 -10.03
CA PHE A 237 4.37 10.27 -8.65
C PHE A 237 5.60 10.00 -7.79
N ASN A 238 6.19 8.82 -7.96
CA ASN A 238 7.37 8.45 -7.20
C ASN A 238 8.47 9.48 -7.39
N VAL A 239 8.74 9.85 -8.65
CA VAL A 239 9.78 10.81 -8.93
C VAL A 239 9.50 12.17 -8.28
N ASP A 240 8.25 12.63 -8.36
CA ASP A 240 7.91 13.91 -7.74
C ASP A 240 8.04 13.85 -6.22
N VAL A 241 7.52 12.78 -5.62
CA VAL A 241 7.59 12.64 -4.17
C VAL A 241 9.03 12.54 -3.70
N MET A 242 9.85 11.79 -4.43
CA MET A 242 11.25 11.64 -4.05
C MET A 242 11.92 13.01 -3.95
N LYS A 243 11.66 13.88 -4.93
CA LYS A 243 12.23 15.23 -4.93
C LYS A 243 11.84 15.98 -3.66
N VAL A 244 10.57 15.89 -3.28
CA VAL A 244 10.07 16.57 -2.10
C VAL A 244 10.73 16.00 -0.84
N LEU A 245 10.88 14.69 -0.78
CA LEU A 245 11.50 14.07 0.38
C LEU A 245 12.94 14.55 0.49
N GLU A 246 13.63 14.60 -0.64
CA GLU A 246 15.02 15.04 -0.66
C GLU A 246 15.15 16.52 -0.29
N SER A 247 14.13 17.30 -0.62
CA SER A 247 14.15 18.74 -0.31
C SER A 247 14.02 18.94 1.20
N TYR A 248 13.77 17.85 1.91
CA TYR A 248 13.66 17.91 3.37
C TYR A 248 14.84 17.19 4.01
N GLY A 249 15.77 16.73 3.16
CA GLY A 249 16.96 16.07 3.67
C GLY A 249 17.01 14.54 3.68
N LEU A 250 15.89 13.88 3.37
CA LEU A 250 15.89 12.42 3.35
C LEU A 250 16.59 11.86 2.12
N ARG A 251 17.22 10.69 2.28
CA ARG A 251 17.93 10.03 1.20
C ARG A 251 17.37 8.63 0.94
N GLU A 252 17.41 8.21 -0.31
CA GLU A 252 16.89 6.89 -0.69
C GLU A 252 17.81 5.76 -0.22
N GLY A 253 17.22 4.77 0.42
CA GLY A 253 17.99 3.64 0.91
C GLY A 253 17.66 2.34 0.22
N ALA A 254 18.16 1.25 0.78
CA ALA A 254 17.95 -0.09 0.24
C ALA A 254 18.25 -1.11 1.33
N ASN A 255 17.97 -2.38 1.04
CA ASN A 255 18.20 -3.45 2.01
C ASN A 255 19.68 -3.55 2.42
N SER A 256 20.56 -3.40 1.44
CA SER A 256 22.00 -3.48 1.68
C SER A 256 22.58 -2.18 2.22
N GLU A 257 21.73 -1.16 2.35
CA GLU A 257 22.16 0.14 2.85
C GLU A 257 20.96 0.99 3.23
N PRO A 258 20.40 0.76 4.44
CA PRO A 258 19.25 1.50 4.95
C PRO A 258 19.45 3.01 5.12
N ARG A 259 18.47 3.77 4.65
CA ARG A 259 18.51 5.22 4.76
C ARG A 259 17.15 5.76 5.21
N GLU A 260 16.66 6.84 4.60
CA GLU A 260 15.38 7.41 5.02
C GLU A 260 14.13 7.10 4.21
N PHE A 261 14.27 6.62 2.97
CA PHE A 261 13.09 6.28 2.19
C PHE A 261 13.32 5.30 1.06
N VAL A 262 12.22 4.66 0.64
CA VAL A 262 12.23 3.69 -0.44
C VAL A 262 10.97 3.91 -1.28
N VAL A 263 11.01 3.49 -2.55
CA VAL A 263 9.86 3.67 -3.41
C VAL A 263 9.65 2.44 -4.29
N GLU A 264 8.43 2.32 -4.81
CA GLU A 264 8.10 1.20 -5.69
C GLU A 264 6.93 1.65 -6.57
N LYS A 265 6.96 1.28 -7.85
CA LYS A 265 5.88 1.66 -8.75
C LYS A 265 4.63 0.88 -8.37
N ALA A 266 3.49 1.56 -8.37
CA ALA A 266 2.21 0.92 -8.04
C ALA A 266 1.71 0.22 -9.30
N PHE A 267 2.30 0.57 -10.43
CA PHE A 267 1.95 0.01 -11.72
C PHE A 267 2.89 0.56 -12.79
N VAL A 268 2.78 0.01 -13.98
CA VAL A 268 3.60 0.44 -15.11
C VAL A 268 2.80 1.39 -15.99
N GLY A 269 3.42 2.47 -16.44
CA GLY A 269 2.72 3.41 -17.29
C GLY A 269 2.11 4.60 -16.55
N GLU A 270 1.23 5.32 -17.24
CA GLU A 270 0.59 6.50 -16.67
C GLU A 270 -0.53 6.23 -15.69
N GLY A 271 -1.14 5.05 -15.77
CA GLY A 271 -2.25 4.72 -14.88
C GLY A 271 -3.57 5.03 -15.53
N ILE A 272 -4.65 4.37 -15.11
CA ILE A 272 -5.95 4.63 -15.72
C ILE A 272 -6.45 6.03 -15.37
PA FAD B . -2.15 -3.81 -17.82
O1A FAD B . -1.29 -4.46 -16.82
O2A FAD B . -1.85 -4.02 -19.27
O5B FAD B . -2.14 -2.24 -17.57
C5B FAD B . -2.74 -1.47 -18.56
C4B FAD B . -2.57 -0.15 -17.76
O4B FAD B . -3.56 0.36 -16.85
C3B FAD B . -1.20 0.34 -17.29
O3B FAD B . -0.18 0.64 -18.20
C2B FAD B . -1.51 1.45 -16.33
O2B FAD B . -1.46 2.66 -17.05
C1B FAD B . -2.94 1.10 -15.80
N9A FAD B . -2.79 0.24 -14.58
C8A FAD B . -2.41 -1.01 -14.28
N7A FAD B . -2.48 -1.32 -12.99
C5A FAD B . -2.93 -0.21 -12.41
C6A FAD B . -3.20 0.09 -11.07
N6A FAD B . -3.02 -0.77 -10.08
N1A FAD B . -3.65 1.36 -10.79
C2A FAD B . -3.84 2.27 -11.81
N3A FAD B . -3.59 2.05 -13.12
C4A FAD B . -3.14 0.80 -13.38
N1 FAD B . -2.12 -3.50 -9.34
C2 FAD B . -3.14 -3.61 -8.43
O2 FAD B . -4.30 -3.50 -8.78
N3 FAD B . -2.80 -3.85 -7.10
C4 FAD B . -1.50 -3.97 -6.63
O4 FAD B . -1.29 -4.20 -5.43
C4X FAD B . -0.45 -3.84 -7.56
N5 FAD B . 0.90 -3.93 -7.18
C5X FAD B . 1.92 -3.80 -8.13
C6 FAD B . 3.27 -3.88 -7.75
C7 FAD B . 4.32 -3.74 -8.70
C7M FAD B . 5.77 -3.82 -8.23
C8 FAD B . 3.98 -3.53 -10.07
C8M FAD B . 5.04 -3.38 -11.14
C9 FAD B . 2.63 -3.46 -10.46
C9A FAD B . 1.58 -3.58 -9.51
N10 FAD B . 0.23 -3.50 -9.89
C10 FAD B . -0.81 -3.61 -8.92
C1' FAD B . -0.14 -3.45 -11.35
C2' FAD B . -0.35 -4.89 -11.81
O2' FAD B . 0.92 -5.44 -12.07
C3' FAD B . -1.19 -4.99 -13.05
O3' FAD B . -0.88 -4.02 -13.96
C4' FAD B . -2.68 -4.83 -12.92
O4' FAD B . -3.31 -5.95 -12.28
C5' FAD B . -3.38 -4.65 -14.31
O5' FAD B . -3.25 -5.74 -15.20
P FAD B . -3.94 -5.75 -16.62
O1P FAD B . -3.37 -6.92 -17.26
O2P FAD B . -5.42 -5.85 -16.52
O3P FAD B . -3.56 -4.31 -17.21
C1 HTG C . -8.26 -7.39 10.22
S1 HTG C . -8.34 -5.60 10.61
C2 HTG C . -9.18 -7.84 9.04
O2 HTG C . -10.51 -7.50 9.36
C3 HTG C . -8.98 -9.36 8.90
O3 HTG C . -9.76 -9.90 7.86
C4 HTG C . -7.49 -9.67 8.56
O4 HTG C . -7.34 -11.08 8.45
C5 HTG C . -6.58 -9.11 9.70
O5 HTG C . -6.88 -7.73 9.97
C6 HTG C . -5.05 -9.18 9.42
O6 HTG C . -4.76 -9.12 8.02
C1' HTG C . -7.94 -5.51 12.35
C2' HTG C . -6.55 -6.00 12.80
C3' HTG C . -6.24 -5.68 14.29
C4' HTG C . -6.88 -6.56 15.43
C5' HTG C . -6.01 -7.73 15.97
C6' HTG C . -6.70 -8.59 17.05
C7' HTG C . -5.81 -9.75 17.56
C1 HTG D . -8.78 -19.66 -13.69
S1 HTG D . -7.05 -20.26 -13.91
C2 HTG D . -9.59 -19.29 -14.96
O2 HTG D . -8.80 -18.46 -15.79
C3 HTG D . -10.87 -18.56 -14.50
O3 HTG D . -11.69 -18.17 -15.58
C4 HTG D . -11.70 -19.51 -13.59
O4 HTG D . -12.87 -18.79 -13.15
C5 HTG D . -10.83 -19.95 -12.36
O5 HTG D . -9.56 -20.49 -12.80
C6 HTG D . -11.67 -21.18 -11.93
O6 HTG D . -11.24 -21.70 -10.66
C1' HTG D . -6.61 -20.59 -12.20
C2' HTG D . -5.71 -21.84 -12.00
C3' HTG D . -6.48 -23.11 -11.53
C4' HTG D . -6.44 -24.41 -12.39
C5' HTG D . -5.83 -25.66 -11.68
C6' HTG D . -6.71 -26.94 -11.72
C7' HTG D . -6.94 -27.51 -13.14
S SO4 E . -5.34 12.24 -11.21
O1 SO4 E . -6.09 11.30 -12.06
O2 SO4 E . -6.05 13.53 -11.11
O3 SO4 E . -5.20 11.65 -9.85
O4 SO4 E . -4.00 12.46 -11.78
C1 HTG F . 4.03 -1.17 20.10
S1 HTG F . 2.17 -1.17 20.11
C2 HTG F . 4.64 -0.72 21.47
O2 HTG F . 4.16 0.57 21.78
C3 HTG F . 6.17 -0.75 21.31
O3 HTG F . 6.84 -0.37 22.51
C4 HTG F . 6.63 -2.20 20.96
O4 HTG F . 8.04 -2.18 20.81
C5 HTG F . 5.93 -2.66 19.64
O5 HTG F . 4.50 -2.48 19.73
C6 HTG F . 6.17 -4.15 19.28
O6 HTG F . 5.37 -4.53 18.12
C1' HTG F . 1.50 -1.69 18.53
C2' HTG F . -0.04 -1.71 18.44
C3' HTG F . -0.62 -2.79 17.49
C4' HTG F . -0.17 -2.84 16.00
C5' HTG F . -1.17 -3.47 15.01
C6' HTG F . -0.82 -4.91 14.57
C7' HTG F . -1.85 -5.50 13.59
C CO2 G . -0.45 -11.01 -21.01
O1 CO2 G . 0.43 -11.67 -20.09
O2 CO2 G . -0.75 -9.77 -21.05
C CO2 H . -12.10 -8.88 0.46
O1 CO2 H . -12.43 -9.95 1.35
O2 CO2 H . -11.46 -7.80 0.74
#